data_8DD5
#
_entry.id   8DD5
#
_cell.length_a   59.630
_cell.length_b   59.630
_cell.length_c   209.890
_cell.angle_alpha   90.000
_cell.angle_beta   90.000
_cell.angle_gamma   90.000
#
_symmetry.space_group_name_H-M   'P 41 21 2'
#
loop_
_entity.id
_entity.type
_entity.pdbx_description
1 polymer 'Histone acetyltransferase KAT6A'
2 non-polymer 2,6-dimethoxy-N-{4-methoxy-6-[(1H-pyrazol-1-yl)methyl]-1,2-benzoxazol-3-yl}benzene-1-sulfonamide
3 non-polymer 'ZINC ION'
4 water water
#
_entity_poly.entity_id   1
_entity_poly.type   'polypeptide(L)'
_entity_poly.pdbx_seq_one_letter_code
;GSPPDPQVRCPSVIEFGKYEIHTWYSSPYPQEYSRLPKLYLCEFCLKYMKSRTILQQHMKKCGWFHPPANEIYRKNNISV
FEVDGNVSTIYCQNLCLLAKLFLDH(ALY)TLYYDVEPFLFYVLTQNDVKGCHLVGYFSKEKHCQQKYNVSCIMILPQYQ
RKGYGRFLIDFSYLLSKREGQAGSPEKPLSDLGRLSYMAYWKSVILECLYHQNDKQISIKKLSKLTGICPQDITSTLHHL
RMLDFRSDQFVIIRREKLIQDHMAKLQLNLRPVDVDPECLRWTPVIVSNS
;
_entity_poly.pdbx_strand_id   A
#
# COMPACT_ATOMS: atom_id res chain seq x y z
N CYS A 10 18.43 0.01 17.40
CA CYS A 10 19.36 1.07 16.96
C CYS A 10 19.43 1.23 15.42
N PRO A 11 18.98 2.35 14.77
CA PRO A 11 18.43 3.62 15.32
C PRO A 11 17.28 3.51 16.35
N SER A 12 16.79 4.68 16.86
CA SER A 12 15.75 4.71 17.90
C SER A 12 14.52 5.57 17.56
N VAL A 13 14.72 6.83 17.14
CA VAL A 13 13.64 7.78 16.82
C VAL A 13 13.99 8.54 15.54
N ILE A 14 12.98 8.95 14.76
CA ILE A 14 13.22 9.68 13.52
C ILE A 14 12.36 10.94 13.43
N GLU A 15 12.94 12.01 12.88
CA GLU A 15 12.18 13.24 12.72
C GLU A 15 11.68 13.36 11.28
N PHE A 16 10.39 13.10 11.10
CA PHE A 16 9.75 13.13 9.80
C PHE A 16 8.67 14.22 9.76
N GLY A 17 8.93 15.31 9.09
CA GLY A 17 7.99 16.42 8.97
C GLY A 17 7.57 16.96 10.31
N LYS A 18 6.27 16.97 10.57
CA LYS A 18 5.69 17.44 11.83
C LYS A 18 5.62 16.32 12.91
N TYR A 19 6.23 15.16 12.62
CA TYR A 19 6.19 14.06 13.57
C TYR A 19 7.56 13.55 13.93
N GLU A 20 7.63 13.06 15.15
CA GLU A 20 8.74 12.36 15.75
C GLU A 20 8.16 10.94 15.85
N ILE A 21 8.91 9.92 15.37
CA ILE A 21 8.42 8.53 15.34
C ILE A 21 9.49 7.58 15.88
N HIS A 22 9.11 6.75 16.88
CA HIS A 22 9.98 5.72 17.42
C HIS A 22 9.98 4.62 16.37
N THR A 23 11.18 4.12 16.03
CA THR A 23 11.37 3.04 15.06
C THR A 23 11.00 1.74 15.75
N TRP A 24 10.63 0.73 14.97
CA TRP A 24 10.25 -0.58 15.50
C TRP A 24 11.38 -1.55 15.25
N TYR A 25 12.17 -1.27 14.19
CA TYR A 25 13.29 -2.10 13.73
C TYR A 25 14.50 -1.24 13.40
N SER A 26 15.65 -1.91 13.27
CA SER A 26 16.93 -1.32 12.88
C SER A 26 17.09 -1.43 11.36
N SER A 27 17.29 -0.28 10.70
CA SER A 27 17.50 -0.20 9.25
C SER A 27 18.97 0.11 8.92
N PRO A 28 19.59 -0.66 7.98
CA PRO A 28 21.02 -0.44 7.66
C PRO A 28 21.32 0.90 6.98
N TYR A 29 21.55 1.92 7.81
CA TYR A 29 21.90 3.28 7.46
C TYR A 29 23.45 3.42 7.56
N PRO A 30 24.07 4.56 7.15
CA PRO A 30 25.53 4.70 7.33
C PRO A 30 25.91 4.55 8.81
N GLN A 31 27.05 3.88 9.09
CA GLN A 31 27.57 3.60 10.44
C GLN A 31 27.48 4.79 11.40
N GLU A 32 27.78 6.01 10.91
CA GLU A 32 27.71 7.28 11.68
C GLU A 32 26.29 7.81 11.90
N TYR A 33 25.40 7.56 10.92
CA TYR A 33 24.01 8.02 10.97
C TYR A 33 23.11 7.11 11.82
N SER A 34 23.31 5.78 11.75
CA SER A 34 22.55 4.76 12.49
C SER A 34 22.88 4.80 13.98
N ARG A 35 24.18 5.03 14.31
CA ARG A 35 24.71 5.14 15.66
C ARG A 35 23.93 6.16 16.50
N LEU A 36 23.57 7.30 15.89
CA LEU A 36 22.84 8.42 16.47
C LEU A 36 21.60 8.02 17.27
N PRO A 37 21.21 8.83 18.30
CA PRO A 37 19.99 8.52 19.06
C PRO A 37 18.77 8.83 18.20
N LYS A 38 18.64 10.09 17.76
CA LYS A 38 17.55 10.54 16.90
C LYS A 38 18.10 10.93 15.54
N LEU A 39 17.47 10.40 14.46
CA LEU A 39 17.86 10.68 13.08
C LEU A 39 16.87 11.61 12.41
N TYR A 40 17.39 12.71 11.85
CA TYR A 40 16.63 13.76 11.19
C TYR A 40 16.44 13.46 9.70
N LEU A 41 15.24 13.77 9.15
CA LEU A 41 14.86 13.47 7.77
C LEU A 41 13.94 14.50 7.16
N CYS A 42 14.16 14.76 5.85
CA CYS A 42 13.33 15.65 5.02
C CYS A 42 12.12 14.84 4.55
N GLU A 43 10.92 15.24 4.99
CA GLU A 43 9.63 14.59 4.65
C GLU A 43 9.26 14.66 3.15
N PHE A 44 10.11 15.30 2.33
CA PHE A 44 9.90 15.42 0.89
C PHE A 44 10.98 14.74 0.04
N CYS A 45 12.24 14.73 0.50
CA CYS A 45 13.36 14.14 -0.24
C CYS A 45 13.95 12.90 0.46
N LEU A 46 13.51 12.62 1.70
CA LEU A 46 13.93 11.51 2.57
C LEU A 46 15.44 11.45 2.84
N LYS A 47 16.10 12.60 2.70
CA LYS A 47 17.53 12.74 2.95
C LYS A 47 17.73 12.74 4.46
N TYR A 48 18.63 11.86 4.95
CA TYR A 48 18.93 11.79 6.37
C TYR A 48 20.03 12.76 6.77
N MET A 49 19.80 13.49 7.89
CA MET A 49 20.74 14.46 8.45
C MET A 49 20.99 14.18 9.94
N LYS A 50 22.23 14.43 10.40
CA LYS A 50 22.67 14.12 11.76
C LYS A 50 22.22 15.13 12.87
N SER A 51 21.62 16.27 12.52
CA SER A 51 21.19 17.21 13.55
C SER A 51 19.97 18.07 13.17
N ARG A 52 19.29 18.59 14.20
CA ARG A 52 18.11 19.46 14.10
C ARG A 52 18.45 20.71 13.29
N THR A 53 19.66 21.28 13.50
CA THR A 53 20.13 22.50 12.86
C THR A 53 20.36 22.29 11.35
N ILE A 54 20.97 21.14 10.94
CA ILE A 54 21.22 20.78 9.53
C ILE A 54 19.88 20.72 8.80
N LEU A 55 18.90 20.00 9.40
CA LEU A 55 17.55 19.83 8.88
C LEU A 55 16.95 21.18 8.46
N GLN A 56 16.95 22.18 9.37
CA GLN A 56 16.42 23.52 9.14
C GLN A 56 17.12 24.28 8.01
N GLN A 57 18.45 24.05 7.88
CA GLN A 57 19.28 24.64 6.84
C GLN A 57 18.90 24.04 5.49
N HIS A 58 18.65 22.71 5.48
CA HIS A 58 18.21 21.95 4.31
C HIS A 58 16.80 22.36 3.88
N MET A 59 15.85 22.54 4.82
CA MET A 59 14.45 22.91 4.55
C MET A 59 14.26 24.28 3.89
N LYS A 60 15.32 25.12 3.90
CA LYS A 60 15.36 26.44 3.27
C LYS A 60 15.85 26.27 1.81
N LYS A 61 16.82 25.34 1.60
CA LYS A 61 17.42 25.03 0.31
C LYS A 61 16.53 24.12 -0.55
N CYS A 62 16.21 22.88 -0.06
CA CYS A 62 15.35 21.85 -0.67
C CYS A 62 14.07 22.45 -1.26
N GLY A 63 13.94 22.30 -2.57
CA GLY A 63 12.81 22.81 -3.34
C GLY A 63 11.69 21.81 -3.52
N TRP A 64 11.89 20.60 -2.96
CA TRP A 64 10.93 19.50 -3.01
C TRP A 64 9.80 19.65 -1.98
N PHE A 65 8.58 19.56 -2.49
CA PHE A 65 7.33 19.62 -1.73
C PHE A 65 6.45 18.46 -2.18
N HIS A 66 7.12 17.36 -2.62
CA HIS A 66 6.53 16.13 -3.13
C HIS A 66 7.62 15.12 -3.61
N PRO A 67 7.25 13.84 -3.88
CA PRO A 67 8.25 12.87 -4.34
C PRO A 67 8.75 13.15 -5.76
N PRO A 68 9.96 12.70 -6.12
CA PRO A 68 10.51 12.98 -7.46
C PRO A 68 9.93 12.06 -8.54
N ALA A 69 8.63 12.28 -8.85
CA ALA A 69 7.90 11.48 -9.82
C ALA A 69 6.63 12.13 -10.33
N ASN A 70 5.92 11.37 -11.14
CA ASN A 70 4.68 11.80 -11.73
C ASN A 70 3.54 11.15 -10.97
N GLU A 71 2.39 11.82 -10.99
CA GLU A 71 1.18 11.33 -10.37
C GLU A 71 0.45 10.42 -11.32
N ILE A 72 0.50 9.09 -11.02
CA ILE A 72 -0.29 8.08 -11.70
C ILE A 72 -1.75 8.27 -11.25
N TYR A 73 -1.92 8.83 -10.04
CA TYR A 73 -3.23 9.09 -9.46
C TYR A 73 -3.24 10.38 -8.69
N ARG A 74 -4.38 11.08 -8.77
CA ARG A 74 -4.71 12.23 -7.97
C ARG A 74 -6.22 12.44 -7.93
N LYS A 75 -6.77 12.53 -6.71
CA LYS A 75 -8.16 12.87 -6.38
C LYS A 75 -8.08 13.63 -5.08
N ASN A 76 -8.52 14.90 -5.13
CA ASN A 76 -8.52 15.85 -4.04
C ASN A 76 -7.09 16.00 -3.40
N ASN A 77 -6.94 15.65 -2.12
CA ASN A 77 -5.73 15.76 -1.34
C ASN A 77 -4.92 14.50 -1.45
N ILE A 78 -5.40 13.52 -2.23
CA ILE A 78 -4.75 12.21 -2.30
C ILE A 78 -4.05 12.00 -3.66
N SER A 79 -2.79 11.53 -3.58
CA SER A 79 -1.96 11.31 -4.74
C SER A 79 -1.18 10.05 -4.67
N VAL A 80 -1.01 9.45 -5.83
CA VAL A 80 -0.17 8.26 -5.98
C VAL A 80 0.89 8.66 -6.99
N PHE A 81 2.16 8.56 -6.56
CA PHE A 81 3.33 8.89 -7.34
C PHE A 81 3.98 7.60 -7.78
N GLU A 82 4.07 7.38 -9.11
CA GLU A 82 4.71 6.17 -9.63
C GLU A 82 6.17 6.53 -9.75
N VAL A 83 6.92 6.15 -8.72
CA VAL A 83 8.33 6.45 -8.63
C VAL A 83 9.08 5.26 -9.20
N ASP A 84 9.88 5.53 -10.26
CA ASP A 84 10.68 4.53 -10.95
C ASP A 84 12.05 4.45 -10.27
N GLY A 85 12.38 3.27 -9.76
CA GLY A 85 13.66 3.04 -9.09
C GLY A 85 14.92 3.35 -9.89
N ASN A 86 14.86 3.21 -11.23
CA ASN A 86 15.98 3.47 -12.16
C ASN A 86 16.20 4.97 -12.39
N VAL A 87 15.09 5.75 -12.43
CA VAL A 87 15.09 7.21 -12.56
C VAL A 87 15.60 7.83 -11.22
N SER A 88 14.70 8.18 -10.25
CA SER A 88 15.06 8.79 -8.96
C SER A 88 15.48 7.73 -7.95
N THR A 89 16.66 7.13 -8.21
CA THR A 89 17.30 6.04 -7.49
C THR A 89 17.71 6.38 -6.04
N ILE A 90 18.21 7.62 -5.77
CA ILE A 90 18.61 8.01 -4.40
C ILE A 90 17.40 7.97 -3.46
N TYR A 91 16.30 8.71 -3.81
CA TYR A 91 15.02 8.78 -3.09
C TYR A 91 14.46 7.40 -2.77
N CYS A 92 14.48 6.49 -3.77
CA CYS A 92 13.97 5.13 -3.64
C CYS A 92 14.82 4.32 -2.67
N GLN A 93 16.15 4.50 -2.72
CA GLN A 93 17.07 3.82 -1.80
C GLN A 93 16.84 4.36 -0.39
N ASN A 94 16.56 5.69 -0.30
CA ASN A 94 16.23 6.39 0.94
C ASN A 94 14.88 5.88 1.53
N LEU A 95 13.86 5.69 0.66
CA LEU A 95 12.52 5.16 0.95
C LEU A 95 12.60 3.75 1.51
N CYS A 96 13.50 2.94 0.98
CA CYS A 96 13.71 1.59 1.43
C CYS A 96 14.32 1.57 2.81
N LEU A 97 15.14 2.60 3.12
CA LEU A 97 15.77 2.70 4.43
C LEU A 97 14.77 3.16 5.50
N LEU A 98 13.87 4.09 5.12
CA LEU A 98 12.76 4.54 5.96
C LEU A 98 11.81 3.35 6.18
N ALA A 99 11.56 2.56 5.12
CA ALA A 99 10.67 1.41 5.13
C ALA A 99 11.09 0.35 6.14
N LYS A 100 12.37 -0.04 6.08
CA LYS A 100 13.01 -1.06 6.91
C LYS A 100 12.98 -0.70 8.43
N LEU A 101 12.70 0.58 8.80
CA LEU A 101 12.57 0.99 10.20
C LEU A 101 11.29 0.45 10.86
N PHE A 102 10.27 0.09 10.03
CA PHE A 102 8.95 -0.41 10.42
C PHE A 102 8.64 -1.77 9.82
N LEU A 103 9.25 -2.12 8.67
CA LEU A 103 9.02 -3.44 8.05
C LEU A 103 10.18 -4.37 8.35
N ASP A 104 9.90 -5.43 9.14
CA ASP A 104 10.91 -6.39 9.57
C ASP A 104 11.53 -7.20 8.43
N HIS A 105 10.66 -7.77 7.56
CA HIS A 105 11.01 -8.64 6.43
C HIS A 105 11.46 -7.89 5.13
N THR A 107 13.96 -6.88 2.80
CA THR A 107 15.36 -7.23 2.51
C THR A 107 16.01 -6.27 1.49
N LEU A 108 15.30 -5.91 0.39
CA LEU A 108 15.88 -5.02 -0.63
C LEU A 108 15.90 -3.55 -0.25
N TYR A 109 17.12 -3.03 -0.13
CA TYR A 109 17.37 -1.65 0.21
C TYR A 109 18.33 -0.95 -0.77
N TYR A 110 19.18 -1.74 -1.49
CA TYR A 110 20.16 -1.17 -2.40
C TYR A 110 19.77 -1.23 -3.92
N ASP A 111 19.51 -2.44 -4.48
CA ASP A 111 19.20 -2.63 -5.92
C ASP A 111 17.71 -2.36 -6.25
N VAL A 112 17.36 -1.06 -6.21
CA VAL A 112 16.04 -0.48 -6.38
C VAL A 112 15.66 -0.20 -7.85
N GLU A 113 16.67 -0.14 -8.75
CA GLU A 113 16.50 0.14 -10.18
C GLU A 113 15.49 -0.85 -10.85
N PRO A 114 15.54 -2.19 -10.59
CA PRO A 114 14.51 -3.09 -11.17
C PRO A 114 13.05 -2.99 -10.63
N PHE A 115 12.73 -1.98 -9.77
CA PHE A 115 11.42 -1.80 -9.13
C PHE A 115 10.67 -0.50 -9.35
N LEU A 116 9.35 -0.54 -9.10
CA LEU A 116 8.47 0.61 -9.07
C LEU A 116 7.99 0.89 -7.62
N PHE A 117 7.81 2.16 -7.26
CA PHE A 117 7.38 2.58 -5.94
C PHE A 117 6.16 3.47 -6.00
N TYR A 118 5.01 2.97 -5.55
CA TYR A 118 3.78 3.77 -5.53
C TYR A 118 3.67 4.48 -4.19
N VAL A 119 3.81 5.81 -4.21
CA VAL A 119 3.90 6.62 -3.03
C VAL A 119 2.61 7.39 -2.77
N LEU A 120 1.98 7.06 -1.63
CA LEU A 120 0.73 7.72 -1.23
C LEU A 120 1.07 8.96 -0.45
N THR A 121 0.35 10.05 -0.76
CA THR A 121 0.50 11.36 -0.15
C THR A 121 -0.86 12.00 0.15
N GLN A 122 -0.86 12.67 1.30
CA GLN A 122 -1.91 13.50 1.87
C GLN A 122 -1.35 14.91 1.48
N ASN A 123 -2.14 15.70 0.73
CA ASN A 123 -1.70 16.99 0.21
C ASN A 123 -2.37 18.17 0.86
N ASP A 124 -1.57 19.23 1.14
CA ASP A 124 -1.94 20.53 1.70
C ASP A 124 -0.92 21.62 1.27
N VAL A 125 -1.07 22.84 1.82
CA VAL A 125 -0.22 24.01 1.60
C VAL A 125 1.26 23.74 1.81
N LYS A 126 1.62 22.91 2.80
CA LYS A 126 3.00 22.55 3.09
C LYS A 126 3.59 21.58 2.07
N GLY A 127 2.75 21.00 1.20
CA GLY A 127 3.20 20.04 0.17
C GLY A 127 2.45 18.73 0.10
N CYS A 128 3.13 17.66 -0.44
CA CYS A 128 2.62 16.28 -0.62
C CYS A 128 3.30 15.40 0.40
N HIS A 129 2.65 15.28 1.54
CA HIS A 129 3.12 14.56 2.71
C HIS A 129 3.00 13.05 2.55
N LEU A 130 4.15 12.35 2.60
CA LEU A 130 4.24 10.89 2.46
C LEU A 130 3.46 10.17 3.57
N VAL A 131 2.44 9.38 3.16
CA VAL A 131 1.59 8.58 4.02
C VAL A 131 2.18 7.17 4.16
N GLY A 132 2.51 6.59 3.00
CA GLY A 132 3.09 5.27 2.86
C GLY A 132 3.34 4.92 1.40
N TYR A 133 3.70 3.66 1.13
CA TYR A 133 3.96 3.16 -0.22
C TYR A 133 3.82 1.63 -0.35
N PHE A 134 3.77 1.15 -1.62
CA PHE A 134 3.92 -0.26 -2.00
C PHE A 134 4.92 -0.33 -3.14
N SER A 135 5.72 -1.39 -3.15
CA SER A 135 6.68 -1.58 -4.21
C SER A 135 6.25 -2.78 -5.07
N LYS A 136 6.55 -2.70 -6.38
CA LYS A 136 6.20 -3.71 -7.38
C LYS A 136 7.42 -3.95 -8.25
N GLU A 137 7.72 -5.22 -8.53
CA GLU A 137 8.80 -5.58 -9.46
C GLU A 137 8.29 -5.20 -10.86
N LYS A 138 9.19 -4.72 -11.74
CA LYS A 138 8.80 -4.34 -13.09
C LYS A 138 8.39 -5.51 -13.96
N HIS A 139 9.09 -6.66 -13.82
CA HIS A 139 8.85 -7.88 -14.60
C HIS A 139 8.94 -9.10 -13.66
N CYS A 140 7.78 -9.60 -13.23
CA CYS A 140 7.71 -10.74 -12.32
C CYS A 140 6.73 -11.78 -12.89
N GLN A 141 7.29 -12.87 -13.46
CA GLN A 141 6.54 -13.98 -14.10
C GLN A 141 5.66 -14.74 -13.11
N GLN A 142 6.16 -14.92 -11.87
CA GLN A 142 5.45 -15.57 -10.75
C GLN A 142 4.48 -14.56 -10.04
N LYS A 143 4.21 -13.41 -10.72
CA LYS A 143 3.38 -12.24 -10.42
C LYS A 143 2.85 -12.12 -8.98
N TYR A 144 3.52 -11.21 -8.27
CA TYR A 144 3.23 -10.70 -6.94
C TYR A 144 2.90 -9.25 -7.25
N ASN A 145 1.66 -8.83 -7.01
CA ASN A 145 1.30 -7.45 -7.34
C ASN A 145 1.90 -6.40 -6.36
N VAL A 146 2.50 -6.86 -5.23
CA VAL A 146 3.12 -6.08 -4.15
C VAL A 146 4.32 -6.87 -3.59
N SER A 147 5.50 -6.24 -3.50
CA SER A 147 6.64 -6.89 -2.83
C SER A 147 6.60 -6.40 -1.36
N CYS A 148 6.47 -5.08 -1.16
CA CYS A 148 6.36 -4.46 0.18
C CYS A 148 5.27 -3.42 0.22
N ILE A 149 4.67 -3.23 1.41
CA ILE A 149 3.61 -2.25 1.67
C ILE A 149 3.76 -1.72 3.08
N MET A 150 3.84 -0.42 3.22
CA MET A 150 4.11 0.26 4.48
C MET A 150 3.21 1.47 4.68
N ILE A 151 2.89 1.78 5.93
CA ILE A 151 2.08 2.93 6.37
C ILE A 151 2.75 3.47 7.60
N LEU A 152 3.17 4.76 7.58
CA LEU A 152 3.81 5.41 8.74
C LEU A 152 2.83 5.41 9.95
N PRO A 153 3.26 4.92 11.13
CA PRO A 153 2.35 4.80 12.28
C PRO A 153 1.27 5.86 12.45
N GLN A 154 1.62 7.14 12.35
CA GLN A 154 0.61 8.20 12.51
C GLN A 154 -0.59 8.08 11.53
N TYR A 155 -0.44 7.21 10.50
CA TYR A 155 -1.42 7.02 9.43
C TYR A 155 -2.06 5.65 9.47
N GLN A 156 -1.41 4.69 10.16
CA GLN A 156 -1.94 3.33 10.32
C GLN A 156 -3.41 3.36 10.81
N ARG A 157 -4.28 2.48 10.28
CA ARG A 157 -5.73 2.35 10.58
C ARG A 157 -6.60 3.51 10.10
N LYS A 158 -6.07 4.42 9.29
CA LYS A 158 -6.94 5.50 8.85
C LYS A 158 -7.63 5.15 7.50
N GLY A 159 -7.22 4.03 6.90
CA GLY A 159 -7.80 3.55 5.65
C GLY A 159 -6.91 3.73 4.44
N TYR A 160 -5.73 4.29 4.67
CA TYR A 160 -4.72 4.56 3.66
C TYR A 160 -4.14 3.26 3.19
N GLY A 161 -4.02 2.29 4.12
CA GLY A 161 -3.52 0.96 3.82
C GLY A 161 -4.46 0.20 2.91
N ARG A 162 -5.80 0.41 3.09
CA ARG A 162 -6.80 -0.25 2.25
C ARG A 162 -6.64 0.24 0.83
N PHE A 163 -6.50 1.57 0.69
CA PHE A 163 -6.37 2.32 -0.56
C PHE A 163 -5.26 1.76 -1.43
N LEU A 164 -4.08 1.51 -0.83
CA LEU A 164 -2.96 0.97 -1.58
C LEU A 164 -3.22 -0.42 -2.09
N ILE A 165 -3.71 -1.34 -1.21
CA ILE A 165 -4.10 -2.71 -1.53
C ILE A 165 -5.05 -2.65 -2.70
N ASP A 166 -6.10 -1.79 -2.63
CA ASP A 166 -7.08 -1.59 -3.70
C ASP A 166 -6.46 -1.10 -5.01
N PHE A 167 -5.48 -0.18 -4.92
CA PHE A 167 -4.79 0.41 -6.06
C PHE A 167 -3.90 -0.62 -6.73
N SER A 168 -3.23 -1.47 -5.93
CA SER A 168 -2.35 -2.52 -6.40
C SER A 168 -3.12 -3.56 -7.22
N TYR A 169 -4.39 -3.83 -6.80
CA TYR A 169 -5.29 -4.76 -7.49
C TYR A 169 -5.88 -4.12 -8.74
N LEU A 170 -6.10 -2.80 -8.75
CA LEU A 170 -6.59 -2.11 -9.95
C LEU A 170 -5.53 -2.21 -11.06
N LEU A 171 -4.26 -2.01 -10.71
CA LEU A 171 -3.13 -2.12 -11.61
C LEU A 171 -3.08 -3.55 -12.14
N SER A 172 -2.89 -4.55 -11.24
CA SER A 172 -2.78 -5.97 -11.56
C SER A 172 -3.99 -6.56 -12.31
N LYS A 173 -5.24 -6.27 -11.87
CA LYS A 173 -6.44 -6.83 -12.53
C LYS A 173 -6.57 -6.31 -13.96
N ARG A 174 -6.38 -4.99 -14.19
CA ARG A 174 -6.46 -4.39 -15.53
C ARG A 174 -5.44 -5.00 -16.52
N GLU A 175 -4.34 -5.59 -16.03
CA GLU A 175 -3.39 -6.25 -16.89
C GLU A 175 -3.59 -7.79 -16.89
N GLY A 176 -4.87 -8.18 -16.86
CA GLY A 176 -5.40 -9.53 -16.96
C GLY A 176 -5.06 -10.60 -15.95
N GLN A 177 -4.07 -10.39 -15.09
CA GLN A 177 -3.74 -11.48 -14.18
C GLN A 177 -4.07 -11.22 -12.72
N ALA A 178 -4.47 -12.30 -12.01
CA ALA A 178 -4.77 -12.27 -10.59
C ALA A 178 -3.46 -12.13 -9.85
N GLY A 179 -3.45 -11.39 -8.72
CA GLY A 179 -2.24 -11.17 -7.96
C GLY A 179 -2.32 -11.26 -6.44
N SER A 180 -1.13 -11.35 -5.80
CA SER A 180 -0.95 -11.43 -4.34
C SER A 180 0.24 -10.60 -3.84
N PRO A 181 0.28 -10.28 -2.53
CA PRO A 181 1.49 -9.67 -1.99
C PRO A 181 2.59 -10.73 -1.81
N GLU A 182 3.86 -10.30 -1.77
CA GLU A 182 5.02 -11.17 -1.62
C GLU A 182 5.22 -11.52 -0.15
N LYS A 183 4.82 -12.74 0.22
CA LYS A 183 4.89 -13.26 1.59
C LYS A 183 6.34 -13.50 2.06
N PRO A 184 6.64 -13.44 3.39
CA PRO A 184 5.72 -13.16 4.52
C PRO A 184 5.44 -11.67 4.74
N LEU A 185 4.16 -11.32 4.87
CA LEU A 185 3.69 -9.95 5.11
C LEU A 185 4.00 -9.51 6.57
N SER A 186 3.83 -8.22 6.85
CA SER A 186 3.91 -7.67 8.21
C SER A 186 2.58 -8.08 8.84
N ASP A 187 2.48 -8.28 10.16
CA ASP A 187 1.19 -8.69 10.74
C ASP A 187 0.05 -7.68 10.50
N LEU A 188 0.37 -6.36 10.37
CA LEU A 188 -0.60 -5.27 10.09
C LEU A 188 -0.99 -5.27 8.60
N GLY A 189 -0.04 -5.69 7.76
CA GLY A 189 -0.22 -5.90 6.32
C GLY A 189 -1.14 -7.08 6.10
N ARG A 190 -0.92 -8.18 6.89
CA ARG A 190 -1.75 -9.41 6.93
C ARG A 190 -3.16 -9.02 7.35
N LEU A 191 -3.26 -8.26 8.44
CA LEU A 191 -4.53 -7.82 8.98
C LEU A 191 -5.32 -6.89 8.03
N SER A 192 -4.60 -6.01 7.30
CA SER A 192 -5.24 -5.10 6.36
C SER A 192 -5.71 -5.82 5.10
N TYR A 193 -4.95 -6.83 4.60
CA TYR A 193 -5.31 -7.63 3.41
C TYR A 193 -6.60 -8.41 3.62
N MET A 194 -6.77 -8.98 4.82
CA MET A 194 -7.94 -9.76 5.20
C MET A 194 -9.19 -8.90 5.22
N ALA A 195 -9.09 -7.72 5.85
CA ALA A 195 -10.17 -6.74 5.97
C ALA A 195 -10.69 -6.35 4.62
N TYR A 196 -9.75 -6.08 3.67
CA TYR A 196 -9.97 -5.72 2.28
C TYR A 196 -10.70 -6.83 1.53
N TRP A 197 -10.14 -8.06 1.53
CA TRP A 197 -10.73 -9.21 0.85
C TRP A 197 -12.21 -9.47 1.30
N LYS A 198 -12.47 -9.41 2.63
CA LYS A 198 -13.81 -9.59 3.19
C LYS A 198 -14.76 -8.53 2.62
N SER A 199 -14.36 -7.23 2.65
CA SER A 199 -15.21 -6.13 2.14
C SER A 199 -15.46 -6.24 0.64
N VAL A 200 -14.38 -6.52 -0.13
CA VAL A 200 -14.43 -6.64 -1.59
C VAL A 200 -15.36 -7.75 -2.03
N ILE A 201 -15.25 -8.94 -1.41
CA ILE A 201 -16.07 -10.10 -1.78
C ILE A 201 -17.53 -9.81 -1.48
N LEU A 202 -17.84 -9.30 -0.29
CA LEU A 202 -19.20 -8.93 0.11
C LEU A 202 -19.80 -7.88 -0.80
N GLU A 203 -19.05 -6.81 -1.08
CA GLU A 203 -19.47 -5.72 -1.97
C GLU A 203 -19.67 -6.20 -3.39
N CYS A 204 -18.79 -7.09 -3.85
CA CYS A 204 -18.84 -7.67 -5.18
C CYS A 204 -20.01 -8.64 -5.34
N LEU A 205 -20.32 -9.43 -4.28
CA LEU A 205 -21.45 -10.37 -4.26
C LEU A 205 -22.78 -9.66 -4.27
N TYR A 206 -22.82 -8.46 -3.69
CA TYR A 206 -23.99 -7.60 -3.65
C TYR A 206 -24.25 -7.03 -5.02
N HIS A 207 -23.18 -6.66 -5.77
CA HIS A 207 -23.31 -6.09 -7.10
C HIS A 207 -23.60 -7.14 -8.19
N GLN A 208 -23.68 -8.41 -7.76
CA GLN A 208 -24.10 -9.55 -8.57
C GLN A 208 -25.57 -9.77 -8.14
N ASN A 209 -25.84 -9.72 -6.80
CA ASN A 209 -27.14 -9.91 -6.12
C ASN A 209 -28.17 -10.69 -6.95
N ASP A 210 -28.39 -11.96 -6.55
CA ASP A 210 -29.27 -12.94 -7.18
C ASP A 210 -28.68 -13.44 -8.52
N LYS A 211 -27.34 -13.39 -8.59
CA LYS A 211 -26.51 -13.87 -9.69
C LYS A 211 -25.42 -14.75 -9.06
N GLN A 212 -25.47 -16.06 -9.38
CA GLN A 212 -24.54 -17.08 -8.91
C GLN A 212 -23.26 -16.93 -9.75
N ILE A 213 -22.11 -16.76 -9.03
CA ILE A 213 -20.81 -16.54 -9.65
C ILE A 213 -19.79 -17.52 -9.06
N SER A 214 -18.89 -18.00 -9.91
CA SER A 214 -17.84 -18.92 -9.50
C SER A 214 -16.74 -18.17 -8.81
N ILE A 215 -15.92 -18.91 -8.04
CA ILE A 215 -14.73 -18.40 -7.39
C ILE A 215 -13.75 -17.95 -8.50
N LYS A 216 -13.77 -18.59 -9.70
CA LYS A 216 -12.92 -18.20 -10.84
C LYS A 216 -13.37 -16.84 -11.40
N LYS A 217 -14.68 -16.66 -11.67
CA LYS A 217 -15.19 -15.38 -12.16
C LYS A 217 -14.95 -14.27 -11.13
N LEU A 218 -15.21 -14.54 -9.82
CA LEU A 218 -14.99 -13.57 -8.75
C LEU A 218 -13.54 -13.06 -8.74
N SER A 219 -12.57 -13.98 -8.87
CA SER A 219 -11.14 -13.72 -8.99
C SER A 219 -10.86 -12.85 -10.21
N LYS A 220 -11.63 -13.05 -11.33
CA LYS A 220 -11.46 -12.27 -12.56
C LYS A 220 -11.90 -10.82 -12.31
N LEU A 221 -13.07 -10.65 -11.68
CA LEU A 221 -13.67 -9.35 -11.34
C LEU A 221 -12.89 -8.56 -10.32
N THR A 222 -12.27 -9.25 -9.37
CA THR A 222 -11.58 -8.59 -8.30
C THR A 222 -10.12 -8.42 -8.54
N GLY A 223 -9.48 -9.43 -9.12
CA GLY A 223 -8.04 -9.44 -9.31
C GLY A 223 -7.36 -10.19 -8.19
N ILE A 224 -8.14 -10.62 -7.18
CA ILE A 224 -7.63 -11.39 -6.04
C ILE A 224 -7.38 -12.80 -6.50
N CYS A 225 -6.24 -13.38 -6.12
CA CYS A 225 -5.96 -14.75 -6.56
C CYS A 225 -6.91 -15.80 -5.87
N PRO A 226 -7.35 -16.89 -6.58
CA PRO A 226 -8.36 -17.84 -6.03
C PRO A 226 -8.18 -18.35 -4.60
N GLN A 227 -6.96 -18.70 -4.21
CA GLN A 227 -6.59 -19.20 -2.87
C GLN A 227 -6.95 -18.17 -1.79
N ASP A 228 -6.68 -16.87 -2.08
CA ASP A 228 -6.96 -15.73 -1.19
C ASP A 228 -8.49 -15.57 -1.03
N ILE A 229 -9.26 -15.87 -2.09
CA ILE A 229 -10.74 -15.82 -2.05
C ILE A 229 -11.33 -16.93 -1.17
N THR A 230 -10.89 -18.20 -1.36
CA THR A 230 -11.43 -19.35 -0.60
C THR A 230 -11.12 -19.18 0.91
N SER A 231 -9.88 -18.81 1.28
CA SER A 231 -9.52 -18.58 2.69
C SER A 231 -10.34 -17.44 3.31
N THR A 232 -10.74 -16.46 2.49
CA THR A 232 -11.53 -15.33 2.95
C THR A 232 -12.99 -15.70 3.07
N LEU A 233 -13.51 -16.50 2.11
CA LEU A 233 -14.91 -16.95 2.12
C LEU A 233 -15.12 -17.84 3.36
N HIS A 234 -14.10 -18.65 3.67
CA HIS A 234 -14.02 -19.55 4.78
C HIS A 234 -14.21 -18.74 6.05
N HIS A 235 -13.38 -17.70 6.23
CA HIS A 235 -13.43 -16.77 7.37
C HIS A 235 -14.79 -16.06 7.47
N LEU A 236 -15.45 -15.86 6.33
CA LEU A 236 -16.77 -15.24 6.21
C LEU A 236 -17.89 -16.24 6.47
N ARG A 237 -17.52 -17.54 6.70
CA ARG A 237 -18.44 -18.67 6.91
C ARG A 237 -19.35 -18.78 5.65
N MET A 238 -18.71 -18.68 4.47
CA MET A 238 -19.36 -18.68 3.14
C MET A 238 -18.70 -19.63 2.13
N LEU A 239 -17.95 -20.64 2.60
CA LEU A 239 -17.28 -21.61 1.71
C LEU A 239 -17.90 -23.03 1.77
N ASP A 240 -17.80 -23.82 0.66
CA ASP A 240 -18.23 -25.23 0.54
C ASP A 240 -17.60 -25.99 -0.68
N PHE A 241 -17.99 -27.27 -0.88
CA PHE A 241 -17.51 -28.15 -1.95
C PHE A 241 -18.65 -28.70 -2.90
N ARG A 242 -18.34 -28.85 -4.22
CA ARG A 242 -19.20 -29.36 -5.32
C ARG A 242 -18.42 -30.39 -6.24
N SER A 243 -17.40 -31.06 -5.61
CA SER A 243 -16.38 -31.99 -6.13
C SER A 243 -15.55 -31.32 -7.19
N ASP A 244 -14.27 -31.08 -6.86
CA ASP A 244 -13.27 -30.39 -7.70
C ASP A 244 -13.68 -28.90 -7.81
N GLN A 245 -14.66 -28.51 -6.96
CA GLN A 245 -15.15 -27.15 -6.96
C GLN A 245 -15.38 -26.66 -5.57
N PHE A 246 -14.60 -25.65 -5.19
CA PHE A 246 -14.77 -24.88 -3.98
C PHE A 246 -15.84 -23.87 -4.40
N VAL A 247 -16.80 -23.62 -3.51
CA VAL A 247 -17.96 -22.85 -3.88
C VAL A 247 -18.35 -21.78 -2.85
N ILE A 248 -19.17 -20.81 -3.29
CA ILE A 248 -19.68 -19.70 -2.48
C ILE A 248 -21.08 -19.99 -1.90
N ILE A 249 -21.14 -19.94 -0.57
CA ILE A 249 -22.34 -20.06 0.25
C ILE A 249 -22.81 -18.62 0.44
N ARG A 250 -23.88 -18.24 -0.28
CA ARG A 250 -24.40 -16.88 -0.25
C ARG A 250 -25.29 -16.59 0.95
N ARG A 251 -24.66 -16.10 2.02
CA ARG A 251 -25.29 -15.66 3.28
C ARG A 251 -25.84 -14.26 3.02
N GLU A 252 -26.82 -14.12 2.10
CA GLU A 252 -27.45 -12.89 1.59
C GLU A 252 -27.79 -11.82 2.68
N LYS A 253 -27.93 -12.21 3.96
CA LYS A 253 -28.19 -11.24 5.04
C LYS A 253 -26.92 -10.47 5.38
N LEU A 254 -25.77 -11.16 5.34
CA LEU A 254 -24.44 -10.60 5.59
C LEU A 254 -24.03 -9.67 4.46
N ILE A 255 -24.43 -9.98 3.21
CA ILE A 255 -24.15 -9.17 2.03
C ILE A 255 -24.94 -7.85 2.06
N GLN A 256 -26.25 -7.91 2.44
CA GLN A 256 -27.10 -6.72 2.54
C GLN A 256 -26.73 -5.84 3.74
N ASP A 257 -26.30 -6.46 4.86
CA ASP A 257 -25.90 -5.73 6.08
C ASP A 257 -24.61 -4.95 5.92
N HIS A 258 -23.65 -5.48 5.13
CA HIS A 258 -22.37 -4.82 4.90
C HIS A 258 -22.59 -3.54 4.09
N MET A 259 -23.35 -3.68 2.98
CA MET A 259 -23.73 -2.63 2.06
C MET A 259 -24.44 -1.49 2.77
N ALA A 260 -25.29 -1.83 3.78
CA ALA A 260 -26.01 -0.89 4.65
C ALA A 260 -25.02 -0.06 5.44
N LYS A 261 -24.15 -0.72 6.25
CA LYS A 261 -23.10 -0.10 7.07
C LYS A 261 -22.19 0.78 6.20
N LEU A 262 -21.95 0.34 4.94
CA LEU A 262 -21.10 1.03 3.96
C LEU A 262 -21.67 2.35 3.51
N GLN A 263 -22.98 2.42 3.24
CA GLN A 263 -23.62 3.67 2.84
C GLN A 263 -23.55 4.64 4.03
N LEU A 264 -23.74 4.11 5.24
CA LEU A 264 -23.70 4.82 6.51
C LEU A 264 -22.31 5.44 6.81
N ASN A 265 -21.37 4.61 7.31
CA ASN A 265 -19.99 4.94 7.75
C ASN A 265 -19.09 5.55 6.67
N LEU A 266 -19.37 5.25 5.36
CA LEU A 266 -18.65 5.74 4.17
C LEU A 266 -17.17 5.38 4.12
N ARG A 267 -16.51 5.70 2.99
CA ARG A 267 -15.08 5.50 2.85
C ARG A 267 -14.36 6.85 2.80
N PRO A 268 -13.38 7.10 3.71
CA PRO A 268 -12.70 8.41 3.69
C PRO A 268 -11.73 8.49 2.51
N VAL A 269 -10.91 7.44 2.33
CA VAL A 269 -10.02 7.26 1.20
C VAL A 269 -10.49 6.04 0.40
N ASP A 270 -10.88 6.26 -0.86
CA ASP A 270 -11.38 5.26 -1.79
C ASP A 270 -10.86 5.56 -3.21
N VAL A 271 -10.32 4.54 -3.88
CA VAL A 271 -9.80 4.67 -5.24
C VAL A 271 -10.91 4.96 -6.30
N ASP A 272 -10.78 6.09 -7.02
CA ASP A 272 -11.69 6.39 -8.12
C ASP A 272 -10.96 5.98 -9.41
N PRO A 273 -11.33 4.83 -10.02
CA PRO A 273 -10.64 4.39 -11.25
C PRO A 273 -10.62 5.44 -12.35
N GLU A 274 -11.57 6.41 -12.27
CA GLU A 274 -11.71 7.52 -13.23
C GLU A 274 -10.70 8.63 -13.02
N CYS A 275 -10.02 8.64 -11.84
CA CYS A 275 -8.98 9.59 -11.43
C CYS A 275 -7.55 9.11 -11.66
N LEU A 276 -7.41 7.99 -12.38
CA LEU A 276 -6.10 7.48 -12.74
C LEU A 276 -5.63 8.14 -14.04
N ARG A 277 -4.33 8.41 -14.13
CA ARG A 277 -3.73 9.06 -15.28
C ARG A 277 -3.45 8.07 -16.38
N TRP A 278 -3.18 6.84 -15.97
CA TRP A 278 -2.96 5.74 -16.86
C TRP A 278 -3.12 4.41 -16.11
N THR A 279 -3.91 3.50 -16.72
CA THR A 279 -4.21 2.15 -16.26
C THR A 279 -3.70 1.15 -17.32
N PRO A 280 -3.21 -0.08 -16.97
CA PRO A 280 -2.74 -1.01 -18.02
C PRO A 280 -3.82 -1.67 -18.91
N VAL A 281 -3.36 -2.45 -19.92
CA VAL A 281 -4.17 -3.21 -20.88
C VAL A 281 -3.41 -4.52 -21.21
#